data_5CQR
#
_entry.id   5CQR
#
_cell.length_a   73.020
_cell.length_b   73.020
_cell.length_c   479.508
_cell.angle_alpha   90.00
_cell.angle_beta   90.00
_cell.angle_gamma   120.00
#
_symmetry.space_group_name_H-M   'P 61 2 2'
#
loop_
_entity.id
_entity.type
_entity.pdbx_description
1 polymer 'Elongator complex protein 1'
2 water water
#
_entity_poly.entity_id   1
_entity_poly.type   'polypeptide(L)'
_entity_poly.pdbx_seq_one_letter_code
;GPGSNLEVVHHRALVLAQIRKWLDKLMFKEAFECMRKLRINLNLIYDHNPKVFLGNVETFIKQIDSVNHINLFFTELKEE
DVTKTMYPAPVTSSVYLSRDPDGNKIDLVCDAMRAVMESINPHKYCLSILTSHVKKTTPELEIVLQKVHELQGNAPSDPD
AVSAEEALKYLLHLVDVNELYDHSLGTYDFDLVLMVAEKSQKDPKEYLPFLNTLKKMETNYQRFTIDKYLKRYEKAIGHL
SKCGPEYFPECLNLIKDKNLYNEALKLYSPSSQQYQDISIAYGEHLMQEHMYEPAGLMFARCGAHEKALSAFLTCGNWKQ
ALCVAAQLNFTKDQLVGLGRTLAGKLVEQRKHIDAAMVLEECAQDYEEAVLLLLEGAAWEEALRLVYKYNRLDIIETNVK
PSILEAQKNYMAFLDSQTATFSRHKKRLLVVRELKEQAQQAGLDDEVPHGQESDLFSETSSVVSGSEMSGKYSHSNSRIS
ARSSKNRRKAERKKHSLKEGSPLEDLALLEALSEVVQNTENLKDEVYHILKVLFLFEFDEQGRELQKAFEDTLQLMERSL
PEIWTLTYQQNSATPVLGPNSTANSIMASYQQQKTSVPVLDAELFIPPKINRRTQWKLSLLD
;
_entity_poly.pdbx_strand_id   A
#
# COMPACT_ATOMS: atom_id res chain seq x y z
N HIS A 10 -33.18 13.57 -39.34
CA HIS A 10 -32.21 14.51 -39.90
C HIS A 10 -32.30 15.88 -39.25
N HIS A 11 -33.38 16.10 -38.52
CA HIS A 11 -33.67 17.38 -37.87
C HIS A 11 -32.62 17.66 -36.80
N ARG A 12 -32.13 16.60 -36.17
CA ARG A 12 -31.23 16.68 -35.03
C ARG A 12 -29.76 16.76 -35.40
N ALA A 13 -29.32 15.87 -36.29
CA ALA A 13 -27.91 15.73 -36.64
C ALA A 13 -27.32 17.01 -37.18
N LEU A 14 -28.20 17.89 -37.65
CA LEU A 14 -27.79 19.18 -38.20
C LEU A 14 -27.31 20.11 -37.09
N VAL A 15 -27.98 20.05 -35.94
CA VAL A 15 -27.63 20.85 -34.77
C VAL A 15 -26.31 20.37 -34.19
N LEU A 16 -26.25 19.10 -33.80
CA LEU A 16 -25.02 18.49 -33.30
C LEU A 16 -23.83 18.77 -34.21
N ALA A 17 -24.04 18.75 -35.51
CA ALA A 17 -22.97 19.16 -36.42
C ALA A 17 -22.43 20.54 -36.03
N GLN A 18 -23.32 21.54 -36.05
CA GLN A 18 -23.02 22.90 -35.61
C GLN A 18 -22.15 22.93 -34.35
N ILE A 19 -22.65 22.27 -33.31
CA ILE A 19 -22.05 22.28 -31.98
C ILE A 19 -20.65 21.71 -32.01
N ARG A 20 -20.45 20.65 -32.77
CA ARG A 20 -19.12 20.09 -32.90
C ARG A 20 -18.17 21.07 -33.59
N LYS A 21 -18.67 21.83 -34.57
CA LYS A 21 -17.84 22.84 -35.22
C LYS A 21 -17.56 24.07 -34.33
N TRP A 22 -18.53 24.46 -33.51
CA TRP A 22 -18.34 25.54 -32.55
C TRP A 22 -17.30 25.17 -31.50
N LEU A 23 -17.45 24.00 -30.89
CA LEU A 23 -16.47 23.55 -29.90
C LEU A 23 -15.10 23.36 -30.52
N ASP A 24 -15.08 23.22 -31.84
CA ASP A 24 -13.84 23.02 -32.59
C ASP A 24 -13.14 24.35 -32.74
N LYS A 25 -13.92 25.42 -32.90
CA LYS A 25 -13.39 26.79 -33.01
C LYS A 25 -13.37 27.50 -31.65
N LEU A 26 -13.29 26.72 -30.59
CA LEU A 26 -13.22 27.26 -29.23
C LEU A 26 -14.33 28.25 -28.89
N MET A 27 -15.46 28.16 -29.56
CA MET A 27 -16.62 29.01 -29.29
C MET A 27 -17.56 28.40 -28.26
N PHE A 28 -17.14 28.29 -27.01
CA PHE A 28 -17.93 27.56 -26.00
C PHE A 28 -19.27 28.20 -25.67
N LYS A 29 -19.33 29.52 -25.64
CA LYS A 29 -20.58 30.21 -25.34
C LYS A 29 -21.68 29.86 -26.36
N GLU A 30 -21.41 30.04 -27.66
CA GLU A 30 -22.41 29.75 -28.69
C GLU A 30 -22.93 28.36 -28.53
N ALA A 31 -22.00 27.42 -28.38
CA ALA A 31 -22.29 26.01 -28.17
C ALA A 31 -23.17 25.83 -26.94
N PHE A 32 -22.64 26.28 -25.80
CA PHE A 32 -23.32 26.13 -24.52
C PHE A 32 -24.68 26.81 -24.46
N GLU A 33 -24.79 28.00 -25.01
CA GLU A 33 -26.06 28.72 -24.93
C GLU A 33 -27.15 27.90 -25.60
N CYS A 34 -26.78 27.27 -26.70
CA CYS A 34 -27.70 26.50 -27.52
C CYS A 34 -27.95 25.10 -26.92
N MET A 35 -26.91 24.48 -26.37
CA MET A 35 -27.08 23.18 -25.70
C MET A 35 -28.12 23.28 -24.58
N ARG A 36 -28.03 24.32 -23.78
CA ARG A 36 -28.92 24.52 -22.64
C ARG A 36 -30.38 24.82 -23.06
N LYS A 37 -30.58 25.35 -24.27
CA LYS A 37 -31.91 25.62 -24.78
C LYS A 37 -32.61 24.40 -25.43
N LEU A 38 -31.85 23.45 -25.97
CA LEU A 38 -32.45 22.24 -26.50
C LEU A 38 -32.18 21.08 -25.54
N ARG A 39 -31.84 21.42 -24.31
CA ARG A 39 -31.50 20.42 -23.31
C ARG A 39 -30.63 19.28 -23.83
N ILE A 40 -29.60 19.62 -24.61
CA ILE A 40 -28.51 18.68 -24.91
C ILE A 40 -27.58 18.54 -23.69
N ASN A 41 -27.02 17.36 -23.49
CA ASN A 41 -26.23 17.11 -22.27
C ASN A 41 -24.93 17.88 -22.29
N LEU A 42 -24.63 18.56 -21.18
CA LEU A 42 -23.49 19.46 -21.12
C LEU A 42 -22.12 18.79 -21.19
N ASN A 43 -22.08 17.48 -21.00
CA ASN A 43 -20.81 16.77 -21.06
C ASN A 43 -20.22 16.85 -22.44
N LEU A 44 -21.06 17.03 -23.44
CA LEU A 44 -20.58 17.04 -24.81
C LEU A 44 -19.40 18.00 -24.94
N ILE A 45 -19.43 19.10 -24.19
CA ILE A 45 -18.46 20.16 -24.45
C ILE A 45 -17.09 19.85 -23.86
N TYR A 46 -16.98 18.70 -23.21
CA TYR A 46 -15.69 18.20 -22.80
C TYR A 46 -15.44 16.94 -23.59
N ASP A 47 -16.46 16.08 -23.63
CA ASP A 47 -16.31 14.76 -24.21
C ASP A 47 -16.04 14.85 -25.69
N HIS A 48 -16.48 15.94 -26.32
CA HIS A 48 -16.23 16.13 -27.75
C HIS A 48 -14.75 16.21 -28.07
N ASN A 49 -13.95 16.57 -27.07
CA ASN A 49 -12.50 16.57 -27.19
C ASN A 49 -11.75 16.95 -25.92
N PRO A 50 -11.52 15.97 -25.04
CA PRO A 50 -10.89 16.25 -23.75
C PRO A 50 -9.53 16.94 -23.83
N LYS A 51 -8.63 16.52 -24.72
CA LYS A 51 -7.28 17.12 -24.79
C LYS A 51 -7.33 18.61 -25.06
N VAL A 52 -8.34 19.08 -25.80
CA VAL A 52 -8.50 20.50 -26.14
C VAL A 52 -9.16 21.30 -25.04
N PHE A 53 -10.16 20.73 -24.39
CA PHE A 53 -10.90 21.47 -23.39
C PHE A 53 -9.98 21.73 -22.22
N LEU A 54 -9.23 20.71 -21.83
CA LEU A 54 -8.14 20.90 -20.88
C LEU A 54 -6.96 21.47 -21.66
N GLY A 55 -6.64 22.73 -21.41
CA GLY A 55 -5.66 23.39 -22.24
C GLY A 55 -6.31 24.62 -22.81
N ASN A 56 -7.63 24.69 -22.64
CA ASN A 56 -8.41 25.90 -22.94
C ASN A 56 -9.44 26.23 -21.86
N VAL A 57 -9.23 25.71 -20.65
CA VAL A 57 -10.15 25.96 -19.53
C VAL A 57 -10.30 27.45 -19.23
N GLU A 58 -9.20 28.18 -19.34
CA GLU A 58 -9.23 29.61 -19.09
C GLU A 58 -10.25 30.29 -20.01
N THR A 59 -10.18 30.03 -21.32
CA THR A 59 -11.10 30.66 -22.26
C THR A 59 -12.52 30.08 -22.19
N PHE A 60 -12.65 28.94 -21.52
CA PHE A 60 -13.97 28.37 -21.27
C PHE A 60 -14.66 29.11 -20.13
N ILE A 61 -14.08 29.03 -18.94
CA ILE A 61 -14.53 29.83 -17.81
C ILE A 61 -14.88 31.28 -18.16
N LYS A 62 -14.05 31.90 -18.99
CA LYS A 62 -14.18 33.32 -19.30
C LYS A 62 -15.38 33.61 -20.18
N GLN A 63 -15.79 32.63 -20.99
CA GLN A 63 -16.95 32.77 -21.87
C GLN A 63 -18.33 32.57 -21.21
N ILE A 64 -18.40 31.76 -20.14
CA ILE A 64 -19.62 31.73 -19.31
C ILE A 64 -19.37 32.45 -18.01
N ASP A 65 -19.08 33.74 -18.03
CA ASP A 65 -18.65 34.36 -16.78
C ASP A 65 -19.59 33.94 -15.63
N SER A 66 -20.89 33.90 -15.93
CA SER A 66 -21.96 33.55 -15.00
C SER A 66 -21.59 32.49 -13.95
N VAL A 67 -22.16 32.56 -12.75
CA VAL A 67 -21.90 31.47 -11.82
C VAL A 67 -23.02 30.44 -11.80
N ASN A 68 -24.25 30.83 -12.11
CA ASN A 68 -25.30 29.83 -12.32
C ASN A 68 -24.98 28.90 -13.46
N HIS A 69 -24.47 29.46 -14.54
CA HIS A 69 -24.17 28.68 -15.72
C HIS A 69 -23.01 27.72 -15.48
N ILE A 70 -21.97 28.18 -14.81
CA ILE A 70 -20.81 27.32 -14.57
C ILE A 70 -20.99 26.35 -13.41
N ASN A 71 -22.02 26.56 -12.60
CA ASN A 71 -22.47 25.57 -11.61
C ASN A 71 -23.42 24.53 -12.23
N LEU A 72 -24.20 24.96 -13.21
CA LEU A 72 -25.12 24.07 -13.89
C LEU A 72 -24.33 23.06 -14.72
N PHE A 73 -23.19 23.48 -15.25
CA PHE A 73 -22.21 22.55 -15.80
C PHE A 73 -21.74 21.50 -14.78
N PHE A 74 -21.31 21.93 -13.59
CA PHE A 74 -20.85 20.99 -12.57
C PHE A 74 -21.84 19.90 -12.23
N THR A 75 -23.10 20.26 -12.01
CA THR A 75 -24.05 19.23 -11.58
C THR A 75 -24.27 18.21 -12.71
N GLU A 76 -24.20 18.67 -13.95
CA GLU A 76 -24.49 17.82 -15.09
C GLU A 76 -23.33 16.91 -15.52
N LEU A 77 -22.17 17.12 -14.92
CA LEU A 77 -20.93 16.45 -15.32
C LEU A 77 -20.84 15.03 -14.80
N LYS A 78 -20.81 14.09 -15.75
CA LYS A 78 -20.74 12.66 -15.49
C LYS A 78 -19.36 12.10 -15.79
N GLU A 79 -19.04 10.96 -15.19
CA GLU A 79 -17.81 10.25 -15.50
C GLU A 79 -17.77 9.71 -16.94
N GLU A 80 -18.94 9.34 -17.45
CA GLU A 80 -19.02 8.66 -18.74
C GLU A 80 -19.03 9.59 -19.96
N ASP A 81 -18.50 9.08 -21.06
CA ASP A 81 -18.36 9.85 -22.28
C ASP A 81 -19.68 9.76 -23.06
N VAL A 82 -20.36 10.88 -23.23
CA VAL A 82 -21.64 10.88 -23.94
C VAL A 82 -21.46 10.77 -25.45
N THR A 83 -20.21 10.70 -25.90
CA THR A 83 -19.84 10.61 -27.31
C THR A 83 -19.88 9.16 -27.78
N LYS A 84 -19.87 8.23 -26.81
CA LYS A 84 -19.94 6.78 -27.06
C LYS A 84 -21.38 6.32 -27.19
N THR A 85 -22.30 7.03 -26.51
CA THR A 85 -23.68 6.59 -26.35
C THR A 85 -24.76 7.52 -26.90
N MET A 86 -24.96 8.67 -26.24
CA MET A 86 -26.04 9.60 -26.59
C MET A 86 -25.85 10.41 -27.88
N TYR A 87 -24.61 10.83 -28.14
CA TYR A 87 -24.27 11.64 -29.33
C TYR A 87 -23.08 11.00 -30.03
N PRO A 88 -23.35 10.00 -30.86
CA PRO A 88 -22.25 9.17 -31.38
C PRO A 88 -21.41 9.86 -32.45
N ALA A 89 -20.09 9.62 -32.41
CA ALA A 89 -19.11 10.35 -33.21
C ALA A 89 -18.37 9.49 -34.23
N PRO A 90 -18.51 9.81 -35.53
CA PRO A 90 -17.73 9.07 -36.54
C PRO A 90 -16.22 9.32 -36.41
N PRO A 101 -6.55 11.62 -22.68
CA PRO A 101 -6.81 11.92 -21.26
C PRO A 101 -5.58 11.68 -20.38
N ASP A 102 -5.69 11.98 -19.10
CA ASP A 102 -4.61 11.77 -18.11
C ASP A 102 -5.03 10.69 -17.08
N GLY A 103 -6.21 10.89 -16.50
CA GLY A 103 -6.78 9.96 -15.53
C GLY A 103 -8.27 10.19 -15.35
N ASN A 104 -8.69 10.23 -14.09
CA ASN A 104 -10.08 10.46 -13.68
C ASN A 104 -10.69 11.73 -14.31
N LYS A 105 -11.78 11.58 -15.07
CA LYS A 105 -12.39 12.74 -15.76
C LYS A 105 -12.99 13.76 -14.82
N ILE A 106 -13.86 13.32 -13.93
CA ILE A 106 -14.50 14.25 -13.02
C ILE A 106 -13.46 15.03 -12.27
N ASP A 107 -12.38 14.37 -11.88
CA ASP A 107 -11.34 15.02 -11.09
C ASP A 107 -10.49 16.02 -11.88
N LEU A 108 -10.07 15.65 -13.09
CA LEU A 108 -9.24 16.53 -13.91
C LEU A 108 -9.98 17.83 -14.15
N VAL A 109 -11.26 17.72 -14.46
CA VAL A 109 -12.09 18.87 -14.80
C VAL A 109 -12.41 19.74 -13.59
N CYS A 110 -12.80 19.14 -12.47
CA CYS A 110 -13.03 19.89 -11.24
C CYS A 110 -11.74 20.60 -10.78
N ASP A 111 -10.60 19.94 -10.90
CA ASP A 111 -9.33 20.56 -10.56
C ASP A 111 -8.98 21.67 -11.55
N ALA A 112 -8.75 21.31 -12.81
CA ALA A 112 -8.34 22.29 -13.82
C ALA A 112 -9.25 23.50 -13.86
N MET A 113 -10.56 23.29 -13.79
CA MET A 113 -11.53 24.39 -13.73
C MET A 113 -11.35 25.23 -12.48
N ARG A 114 -11.18 24.59 -11.32
CA ARG A 114 -10.96 25.34 -10.08
C ARG A 114 -9.69 26.19 -10.06
N ALA A 115 -8.60 25.70 -10.65
CA ALA A 115 -7.37 26.49 -10.64
C ALA A 115 -7.54 27.78 -11.43
N VAL A 116 -8.32 27.75 -12.51
CA VAL A 116 -8.61 28.95 -13.28
C VAL A 116 -9.53 29.91 -12.52
N MET A 117 -10.59 29.38 -11.90
CA MET A 117 -11.44 30.22 -11.07
C MET A 117 -10.69 30.80 -9.87
N GLU A 118 -9.75 30.05 -9.31
CA GLU A 118 -8.93 30.55 -8.20
C GLU A 118 -8.16 31.80 -8.64
N SER A 119 -7.45 31.69 -9.77
CA SER A 119 -6.69 32.80 -10.32
C SER A 119 -7.53 34.05 -10.70
N ILE A 120 -8.54 33.87 -11.57
CA ILE A 120 -9.39 34.96 -12.06
C ILE A 120 -10.13 35.81 -11.01
N ASN A 121 -10.50 35.24 -9.88
CA ASN A 121 -11.27 35.99 -8.89
C ASN A 121 -11.87 35.11 -7.80
N PRO A 122 -11.08 34.73 -6.78
CA PRO A 122 -11.58 33.80 -5.77
C PRO A 122 -12.90 34.25 -5.14
N HIS A 123 -13.24 35.53 -5.24
CA HIS A 123 -14.37 36.06 -4.48
C HIS A 123 -15.69 35.97 -5.26
N LYS A 124 -15.60 36.14 -6.57
CA LYS A 124 -16.76 36.05 -7.46
C LYS A 124 -17.18 34.60 -7.64
N TYR A 125 -16.17 33.73 -7.61
CA TYR A 125 -16.34 32.32 -7.91
C TYR A 125 -16.36 31.45 -6.67
N CYS A 126 -16.55 32.04 -5.50
CA CYS A 126 -16.54 31.27 -4.26
C CYS A 126 -17.50 30.09 -4.34
N LEU A 127 -18.75 30.38 -4.67
CA LEU A 127 -19.77 29.34 -4.68
C LEU A 127 -19.43 28.23 -5.67
N SER A 128 -18.73 28.58 -6.73
CA SER A 128 -18.28 27.62 -7.73
C SER A 128 -17.04 26.82 -7.35
N ILE A 129 -16.12 27.45 -6.65
CA ILE A 129 -14.93 26.77 -6.16
C ILE A 129 -15.30 25.73 -5.11
N LEU A 130 -16.35 26.02 -4.33
CA LEU A 130 -16.88 25.06 -3.36
C LEU A 130 -17.54 23.87 -4.03
N THR A 131 -18.29 24.15 -5.09
CA THR A 131 -18.91 23.12 -5.93
C THR A 131 -17.88 22.21 -6.59
N SER A 132 -16.71 22.74 -6.95
CA SER A 132 -15.67 21.92 -7.56
C SER A 132 -14.89 21.08 -6.54
N HIS A 133 -15.32 21.12 -5.28
CA HIS A 133 -14.76 20.27 -4.25
C HIS A 133 -15.78 19.20 -3.91
N VAL A 134 -17.02 19.63 -3.77
CA VAL A 134 -18.17 18.75 -3.52
C VAL A 134 -18.40 17.71 -4.62
N LYS A 135 -18.02 18.03 -5.86
CA LYS A 135 -18.29 17.15 -7.02
C LYS A 135 -17.16 16.21 -7.44
N LYS A 136 -16.09 16.12 -6.67
CA LYS A 136 -15.01 15.20 -7.02
C LYS A 136 -15.49 13.75 -6.83
N THR A 137 -14.79 12.79 -7.42
CA THR A 137 -15.25 11.39 -7.36
C THR A 137 -15.32 10.94 -5.92
N THR A 138 -14.51 11.57 -5.07
CA THR A 138 -14.63 11.44 -3.63
C THR A 138 -14.75 12.83 -3.03
N PRO A 139 -16.00 13.31 -2.84
CA PRO A 139 -16.26 14.69 -2.41
C PRO A 139 -15.41 15.11 -1.23
N GLU A 140 -14.65 16.18 -1.43
CA GLU A 140 -13.76 16.71 -0.42
C GLU A 140 -14.51 17.69 0.46
N LEU A 141 -15.30 17.17 1.38
CA LEU A 141 -16.09 17.98 2.29
C LEU A 141 -15.27 18.50 3.50
N GLU A 142 -14.20 17.79 3.84
CA GLU A 142 -13.26 18.30 4.82
C GLU A 142 -12.73 19.68 4.41
N ILE A 143 -12.29 19.76 3.15
CA ILE A 143 -11.71 20.98 2.57
C ILE A 143 -12.72 22.09 2.37
N VAL A 144 -13.93 21.72 1.95
CA VAL A 144 -15.02 22.66 1.71
C VAL A 144 -15.46 23.36 2.98
N LEU A 145 -15.31 22.71 4.11
CA LEU A 145 -15.75 23.33 5.36
C LEU A 145 -14.66 24.14 6.04
N GLN A 146 -13.40 23.85 5.77
CA GLN A 146 -12.34 24.72 6.26
C GLN A 146 -12.48 26.03 5.52
N LYS A 147 -13.09 25.99 4.34
CA LYS A 147 -13.30 27.18 3.51
C LYS A 147 -14.51 27.98 3.95
N VAL A 148 -15.57 27.28 4.35
CA VAL A 148 -16.77 27.95 4.83
C VAL A 148 -16.55 28.49 6.22
N HIS A 149 -15.52 27.99 6.89
CA HIS A 149 -15.15 28.50 8.20
C HIS A 149 -14.43 29.84 8.06
N GLU A 150 -13.48 29.92 7.13
CA GLU A 150 -12.74 31.15 6.89
C GLU A 150 -13.66 32.31 6.46
N LEU A 151 -14.83 31.98 5.94
CA LEU A 151 -15.83 32.99 5.58
C LEU A 151 -16.52 33.59 6.80
N GLN A 152 -16.28 32.99 7.96
CA GLN A 152 -16.81 33.54 9.20
C GLN A 152 -15.91 34.67 9.70
N GLY A 153 -14.60 34.43 9.68
CA GLY A 153 -13.61 35.45 9.99
C GLY A 153 -13.15 36.19 8.74
N ASN A 154 -12.93 37.50 8.87
CA ASN A 154 -12.54 38.35 7.74
C ASN A 154 -13.71 38.81 6.85
N ALA A 155 -14.92 38.31 7.12
CA ALA A 155 -16.12 38.84 6.50
C ALA A 155 -16.42 40.21 7.12
N PRO A 156 -17.22 41.05 6.44
CA PRO A 156 -17.88 40.84 5.15
C PRO A 156 -17.11 41.43 3.97
N SER A 157 -16.45 42.57 4.16
CA SER A 157 -15.85 43.30 3.05
C SER A 157 -16.92 43.53 1.98
N ASP A 158 -18.03 44.13 2.39
CA ASP A 158 -19.11 44.53 1.48
C ASP A 158 -19.77 43.32 0.85
N PRO A 159 -20.88 43.55 0.14
CA PRO A 159 -21.46 42.47 -0.67
C PRO A 159 -20.50 41.97 -1.74
N ASP A 160 -19.23 42.39 -1.70
CA ASP A 160 -18.23 41.93 -2.67
C ASP A 160 -17.82 40.47 -2.47
N ALA A 161 -18.00 39.96 -1.24
CA ALA A 161 -17.72 38.56 -0.94
C ALA A 161 -19.00 37.80 -0.55
N VAL A 162 -18.79 36.61 0.00
CA VAL A 162 -19.90 35.73 0.33
C VAL A 162 -19.80 35.30 1.81
N SER A 163 -20.91 35.40 2.54
CA SER A 163 -20.85 35.13 3.98
C SER A 163 -21.04 33.65 4.27
N ALA A 164 -20.58 33.22 5.43
CA ALA A 164 -20.67 31.82 5.81
C ALA A 164 -22.09 31.28 5.77
N GLU A 165 -23.07 32.17 5.69
CA GLU A 165 -24.49 31.77 5.69
C GLU A 165 -25.08 31.69 4.27
N GLU A 166 -24.52 32.48 3.35
CA GLU A 166 -24.95 32.54 1.97
C GLU A 166 -24.44 31.31 1.28
N ALA A 167 -23.32 30.79 1.79
CA ALA A 167 -22.71 29.56 1.30
C ALA A 167 -23.38 28.31 1.86
N LEU A 168 -23.88 28.39 3.09
CA LEU A 168 -24.67 27.29 3.66
C LEU A 168 -25.98 27.10 2.93
N LYS A 169 -26.64 28.19 2.54
CA LYS A 169 -27.91 28.08 1.81
C LYS A 169 -27.66 27.30 0.54
N TYR A 170 -26.57 27.65 -0.13
CA TYR A 170 -26.21 27.02 -1.40
C TYR A 170 -25.76 25.57 -1.25
N LEU A 171 -24.77 25.33 -0.41
CA LEU A 171 -24.31 23.96 -0.15
C LEU A 171 -25.46 23.01 0.19
N LEU A 172 -26.51 23.52 0.84
CA LEU A 172 -27.63 22.70 1.26
C LEU A 172 -28.32 21.96 0.12
N HIS A 173 -28.39 22.59 -1.05
CA HIS A 173 -28.93 21.95 -2.24
C HIS A 173 -28.05 20.82 -2.77
N LEU A 174 -26.82 20.73 -2.27
CA LEU A 174 -25.87 19.77 -2.83
C LEU A 174 -25.39 18.70 -1.84
N VAL A 175 -25.60 18.94 -0.54
CA VAL A 175 -25.04 18.05 0.48
C VAL A 175 -26.08 17.67 1.53
N ASP A 176 -26.21 16.38 1.77
CA ASP A 176 -27.06 15.83 2.82
C ASP A 176 -26.92 16.74 4.04
N VAL A 177 -27.98 16.91 4.81
CA VAL A 177 -27.90 17.77 5.99
C VAL A 177 -27.18 17.16 7.20
N ASN A 178 -27.25 15.83 7.33
CA ASN A 178 -26.59 15.10 8.41
C ASN A 178 -25.09 15.07 8.20
N GLU A 179 -24.69 15.20 6.94
CA GLU A 179 -23.29 15.12 6.53
C GLU A 179 -22.65 16.50 6.50
N LEU A 180 -23.48 17.53 6.40
CA LEU A 180 -23.03 18.91 6.43
C LEU A 180 -22.86 19.32 7.89
N TYR A 181 -23.61 18.68 8.75
CA TYR A 181 -23.57 18.96 10.19
C TYR A 181 -22.37 18.22 10.80
N ASP A 182 -22.24 16.93 10.46
CA ASP A 182 -21.15 16.11 10.97
C ASP A 182 -19.79 16.74 10.66
N HIS A 183 -19.74 17.57 9.62
CA HIS A 183 -18.49 18.18 9.19
C HIS A 183 -18.21 19.53 9.80
N SER A 184 -19.27 20.23 10.19
CA SER A 184 -19.15 21.43 11.03
C SER A 184 -18.31 21.11 12.24
N LEU A 185 -18.85 20.22 13.08
CA LEU A 185 -18.11 19.72 14.23
C LEU A 185 -16.64 19.41 13.93
N GLY A 186 -16.30 19.15 12.68
CA GLY A 186 -14.94 18.78 12.33
C GLY A 186 -14.00 19.97 12.42
N THR A 187 -14.59 21.16 12.36
CA THR A 187 -13.85 22.40 12.30
C THR A 187 -13.64 22.94 13.71
N TYR A 188 -14.48 22.48 14.62
CA TYR A 188 -14.41 22.79 16.07
C TYR A 188 -15.03 24.14 16.42
N ASP A 189 -15.42 24.90 15.40
CA ASP A 189 -15.98 26.22 15.62
C ASP A 189 -17.48 26.12 15.85
N PHE A 190 -17.91 26.35 17.09
CA PHE A 190 -19.30 26.13 17.47
C PHE A 190 -20.35 27.07 16.84
N ASP A 191 -19.98 28.32 16.58
CA ASP A 191 -20.91 29.25 15.94
C ASP A 191 -21.25 28.78 14.53
N LEU A 192 -20.25 28.17 13.88
CA LEU A 192 -20.41 27.56 12.57
C LEU A 192 -21.33 26.34 12.63
N VAL A 193 -21.22 25.61 13.74
CA VAL A 193 -22.00 24.41 14.00
C VAL A 193 -23.48 24.73 14.27
N LEU A 194 -23.73 25.80 15.01
CA LEU A 194 -25.10 26.27 15.22
C LEU A 194 -25.69 26.73 13.90
N MET A 195 -24.93 27.54 13.18
CA MET A 195 -25.37 28.10 11.92
C MET A 195 -26.04 27.02 11.05
N VAL A 196 -25.50 25.81 11.04
CA VAL A 196 -26.01 24.77 10.15
C VAL A 196 -27.29 24.10 10.66
N ALA A 197 -27.37 23.89 11.98
CA ALA A 197 -28.58 23.28 12.54
C ALA A 197 -29.76 24.24 12.46
N GLU A 198 -29.54 25.52 12.75
CA GLU A 198 -30.65 26.48 12.69
C GLU A 198 -31.11 26.80 11.27
N LYS A 199 -30.16 27.09 10.36
CA LYS A 199 -30.49 27.32 8.94
C LYS A 199 -30.84 26.00 8.22
N SER A 200 -31.16 24.98 9.01
CA SER A 200 -31.70 23.70 8.54
C SER A 200 -32.40 22.96 9.70
N GLN A 201 -32.18 21.65 9.80
CA GLN A 201 -32.81 20.83 10.84
C GLN A 201 -32.22 21.04 12.26
N LYS A 205 -34.14 20.96 17.30
CA LYS A 205 -33.44 21.52 18.47
C LYS A 205 -33.06 20.47 19.54
N GLU A 206 -33.26 19.18 19.22
CA GLU A 206 -32.78 18.09 20.07
C GLU A 206 -31.41 17.59 19.57
N TYR A 207 -30.48 18.54 19.49
CA TYR A 207 -29.09 18.31 19.13
C TYR A 207 -28.28 19.21 20.05
N LEU A 208 -28.99 20.07 20.79
CA LEU A 208 -28.43 21.04 21.72
C LEU A 208 -27.86 20.41 22.99
N PRO A 209 -28.35 19.22 23.35
CA PRO A 209 -27.71 18.46 24.43
C PRO A 209 -26.24 18.12 24.13
N PHE A 210 -25.93 17.66 22.92
CA PHE A 210 -24.55 17.31 22.57
C PHE A 210 -23.60 18.49 22.76
N LEU A 211 -23.90 19.61 22.11
CA LEU A 211 -23.09 20.83 22.24
C LEU A 211 -22.96 21.32 23.68
N ASN A 212 -24.07 21.35 24.41
CA ASN A 212 -24.08 21.92 25.75
C ASN A 212 -23.38 21.07 26.79
N THR A 213 -23.07 19.82 26.48
CA THR A 213 -22.16 19.08 27.35
C THR A 213 -20.76 19.17 26.77
N LEU A 214 -20.65 19.17 25.44
CA LEU A 214 -19.36 19.29 24.76
C LEU A 214 -18.60 20.56 25.20
N LYS A 215 -19.33 21.66 25.34
CA LYS A 215 -18.76 22.93 25.78
C LYS A 215 -18.03 22.81 27.13
N LYS A 216 -18.51 21.92 27.98
CA LYS A 216 -18.01 21.79 29.35
C LYS A 216 -16.77 20.90 29.48
N MET A 217 -16.19 20.53 28.34
CA MET A 217 -14.97 19.73 28.33
C MET A 217 -13.80 20.69 28.14
N GLU A 218 -12.64 20.33 28.67
CA GLU A 218 -11.45 21.15 28.44
C GLU A 218 -11.20 21.26 26.94
N THR A 219 -10.49 22.29 26.49
CA THR A 219 -10.25 22.46 25.05
C THR A 219 -9.85 21.16 24.30
N ASN A 220 -8.81 20.48 24.78
CA ASN A 220 -8.22 19.33 24.08
C ASN A 220 -9.07 18.05 24.04
N TYR A 221 -9.62 17.68 25.19
CA TYR A 221 -10.48 16.49 25.31
C TYR A 221 -11.85 16.69 24.66
N GLN A 222 -12.25 17.94 24.49
CA GLN A 222 -13.47 18.27 23.78
C GLN A 222 -13.31 17.90 22.31
N ARG A 223 -12.13 18.14 21.78
CA ARG A 223 -11.85 17.86 20.39
C ARG A 223 -11.61 16.38 20.16
N PHE A 224 -11.10 15.69 21.18
CA PHE A 224 -11.01 14.25 21.09
C PHE A 224 -12.39 13.62 20.94
N THR A 225 -13.34 14.06 21.77
CA THR A 225 -14.67 13.45 21.75
C THR A 225 -15.37 13.67 20.42
N ILE A 226 -15.10 14.82 19.80
CA ILE A 226 -15.69 15.19 18.50
C ILE A 226 -15.16 14.31 17.38
N ASP A 227 -13.86 14.05 17.39
CA ASP A 227 -13.23 13.23 16.37
C ASP A 227 -13.47 11.72 16.57
N LYS A 228 -13.50 11.25 17.79
CA LYS A 228 -13.91 9.86 18.05
C LYS A 228 -15.37 9.68 17.61
N TYR A 229 -16.19 10.72 17.76
CA TYR A 229 -17.58 10.63 17.32
C TYR A 229 -17.74 10.64 15.79
N LEU A 230 -16.90 11.41 15.11
CA LEU A 230 -16.89 11.45 13.64
C LEU A 230 -16.05 10.32 13.04
N LYS A 231 -15.65 9.36 13.87
CA LYS A 231 -14.89 8.21 13.43
C LYS A 231 -13.52 8.57 12.83
N ARG A 232 -13.05 9.78 13.11
CA ARG A 232 -11.74 10.25 12.64
C ARG A 232 -10.66 9.93 13.67
N TYR A 233 -10.36 8.64 13.86
CA TYR A 233 -9.51 8.18 14.96
C TYR A 233 -8.08 8.68 14.90
N GLU A 234 -7.45 8.62 13.73
CA GLU A 234 -6.10 9.14 13.61
C GLU A 234 -5.97 10.56 14.18
N LYS A 235 -6.99 11.39 14.01
CA LYS A 235 -7.01 12.76 14.58
C LYS A 235 -7.40 12.81 16.05
N ALA A 236 -8.34 11.95 16.46
CA ALA A 236 -8.80 11.88 17.85
C ALA A 236 -7.71 11.45 18.84
N ILE A 237 -6.75 10.67 18.37
CA ILE A 237 -5.55 10.33 19.15
C ILE A 237 -4.63 11.56 19.27
N GLY A 238 -4.56 12.35 18.19
CA GLY A 238 -3.72 13.53 18.15
C GLY A 238 -4.10 14.54 19.21
N HIS A 239 -5.29 14.37 19.79
CA HIS A 239 -5.75 15.17 20.93
C HIS A 239 -5.50 14.50 22.28
N LEU A 240 -6.12 13.35 22.53
CA LEU A 240 -5.92 12.66 23.81
C LEU A 240 -4.47 12.60 24.28
N SER A 241 -3.52 12.76 23.34
CA SER A 241 -2.10 12.72 23.66
C SER A 241 -1.64 14.00 24.34
N LYS A 242 -2.54 14.97 24.41
CA LYS A 242 -2.23 16.31 24.89
C LYS A 242 -3.01 16.65 26.16
N CYS A 243 -4.16 16.04 26.34
CA CYS A 243 -4.95 16.34 27.53
C CYS A 243 -4.57 15.45 28.73
N GLY A 244 -3.26 15.23 28.91
CA GLY A 244 -2.78 14.69 30.15
C GLY A 244 -2.35 13.24 30.12
N PRO A 245 -1.62 12.81 31.17
CA PRO A 245 -1.00 11.49 31.30
C PRO A 245 -1.88 10.49 32.06
N GLU A 246 -2.97 10.97 32.64
CA GLU A 246 -3.96 10.11 33.29
C GLU A 246 -4.99 9.65 32.28
N TYR A 247 -4.84 10.14 31.05
CA TYR A 247 -5.70 9.78 29.92
C TYR A 247 -4.98 8.86 28.95
N PHE A 248 -3.75 8.50 29.26
CA PHE A 248 -2.97 7.62 28.41
C PHE A 248 -3.54 6.21 28.32
N PRO A 249 -4.07 5.67 29.42
CA PRO A 249 -4.72 4.36 29.32
C PRO A 249 -5.99 4.37 28.45
N GLU A 250 -6.87 5.35 28.62
CA GLU A 250 -8.05 5.45 27.74
C GLU A 250 -7.62 5.56 26.29
N CYS A 251 -6.52 6.27 26.06
CA CYS A 251 -5.95 6.46 24.73
C CYS A 251 -5.29 5.19 24.21
N LEU A 252 -4.48 4.54 25.04
CA LEU A 252 -3.80 3.32 24.63
C LEU A 252 -4.77 2.30 24.09
N ASN A 253 -5.97 2.25 24.67
CA ASN A 253 -7.04 1.37 24.23
C ASN A 253 -7.49 1.62 22.78
N LEU A 254 -7.93 2.83 22.51
CA LEU A 254 -8.29 3.22 21.17
C LEU A 254 -7.30 2.63 20.18
N ILE A 255 -6.02 2.95 20.38
CA ILE A 255 -4.95 2.46 19.53
C ILE A 255 -4.97 0.94 19.33
N LYS A 256 -4.95 0.21 20.45
CA LYS A 256 -4.92 -1.26 20.44
C LYS A 256 -5.87 -1.89 19.43
N ASP A 257 -7.08 -1.34 19.35
CA ASP A 257 -8.14 -1.97 18.58
C ASP A 257 -8.78 -1.07 17.52
N LYS A 258 -8.10 0.02 17.19
CA LYS A 258 -8.39 0.75 15.97
C LYS A 258 -7.14 0.64 15.09
N ASN A 259 -6.17 -0.14 15.62
CA ASN A 259 -4.86 -0.35 15.01
C ASN A 259 -4.20 0.93 14.56
N LEU A 260 -3.92 1.80 15.53
CA LEU A 260 -3.38 3.11 15.21
C LEU A 260 -1.94 3.16 15.66
N TYR A 261 -1.27 2.02 15.57
CA TYR A 261 0.10 1.88 16.05
C TYR A 261 1.13 2.77 15.36
N ASN A 262 1.08 2.84 14.04
CA ASN A 262 2.04 3.63 13.28
C ASN A 262 1.95 5.13 13.55
N GLU A 263 0.72 5.63 13.58
CA GLU A 263 0.47 7.06 13.65
C GLU A 263 0.53 7.56 15.09
N ALA A 264 0.54 6.63 16.04
CA ALA A 264 0.61 6.99 17.45
C ALA A 264 2.05 7.10 17.89
N LEU A 265 2.95 6.41 17.20
CA LEU A 265 4.38 6.50 17.51
C LEU A 265 4.98 7.86 17.17
N LYS A 266 4.46 8.50 16.12
CA LYS A 266 5.01 9.78 15.71
C LYS A 266 4.51 10.88 16.64
N LEU A 267 3.64 10.50 17.57
CA LEU A 267 3.02 11.45 18.50
C LEU A 267 3.85 11.69 19.77
N TYR A 268 4.23 10.61 20.44
CA TYR A 268 5.06 10.71 21.64
C TYR A 268 6.56 10.68 21.29
N SER A 269 7.35 11.38 22.08
CA SER A 269 8.79 11.45 21.85
C SER A 269 9.37 10.08 22.12
N PRO A 270 10.31 9.64 21.27
CA PRO A 270 11.02 8.37 21.50
C PRO A 270 11.79 8.45 22.82
N SER A 271 11.99 7.32 23.48
CA SER A 271 12.61 7.34 24.81
C SER A 271 11.60 7.75 25.88
N SER A 272 10.39 8.11 25.46
CA SER A 272 9.27 8.30 26.40
C SER A 272 8.81 6.92 26.86
N GLN A 273 8.37 6.81 28.12
CA GLN A 273 7.89 5.52 28.63
C GLN A 273 6.49 5.28 28.10
N GLN A 274 5.93 6.31 27.46
CA GLN A 274 4.66 6.19 26.76
C GLN A 274 4.86 5.64 25.32
N TYR A 275 5.90 6.10 24.63
CA TYR A 275 6.28 5.57 23.32
C TYR A 275 6.79 4.14 23.43
N GLN A 276 7.17 3.77 24.65
CA GLN A 276 7.68 2.44 24.94
C GLN A 276 6.53 1.45 24.94
N ASP A 277 5.48 1.76 25.72
CA ASP A 277 4.29 0.90 25.82
C ASP A 277 3.58 0.71 24.48
N ILE A 278 3.49 1.78 23.69
CA ILE A 278 2.91 1.71 22.36
C ILE A 278 3.70 0.80 21.42
N SER A 279 5.01 0.70 21.66
CA SER A 279 5.90 -0.11 20.84
C SER A 279 5.74 -1.59 21.16
N ILE A 280 5.64 -1.91 22.45
CA ILE A 280 5.40 -3.29 22.88
C ILE A 280 4.04 -3.77 22.40
N ALA A 281 3.00 -3.00 22.64
CA ALA A 281 1.65 -3.35 22.17
C ALA A 281 1.59 -3.57 20.65
N TYR A 282 2.49 -2.92 19.92
CA TYR A 282 2.63 -3.11 18.47
C TYR A 282 3.39 -4.40 18.19
N GLY A 283 4.31 -4.75 19.08
CA GLY A 283 4.94 -6.04 19.01
C GLY A 283 3.87 -7.11 19.17
N GLU A 284 3.18 -7.07 20.30
CA GLU A 284 2.12 -8.01 20.64
C GLU A 284 1.01 -8.12 19.60
N HIS A 285 0.67 -7.01 18.94
CA HIS A 285 -0.34 -7.06 17.90
C HIS A 285 0.17 -7.74 16.65
N LEU A 286 1.45 -7.52 16.33
CA LEU A 286 2.07 -8.12 15.14
C LEU A 286 2.24 -9.62 15.33
N MET A 287 2.44 -9.99 16.58
CA MET A 287 2.60 -11.38 16.99
C MET A 287 1.28 -12.10 16.75
N GLN A 288 0.25 -11.60 17.41
CA GLN A 288 -1.08 -12.16 17.34
C GLN A 288 -1.62 -12.13 15.90
N GLU A 289 -0.85 -11.58 14.97
CA GLU A 289 -1.28 -11.53 13.57
C GLU A 289 -0.41 -12.40 12.67
N HIS A 290 0.49 -13.18 13.27
CA HIS A 290 1.32 -14.13 12.51
C HIS A 290 2.21 -13.47 11.45
N MET A 291 2.40 -12.17 11.58
CA MET A 291 3.51 -11.51 10.90
C MET A 291 4.63 -11.36 11.93
N TYR A 292 5.40 -12.43 12.07
CA TYR A 292 6.34 -12.62 13.16
C TYR A 292 7.64 -11.84 13.00
N GLU A 293 8.06 -11.60 11.76
CA GLU A 293 9.33 -10.91 11.52
C GLU A 293 9.26 -9.43 11.84
N PRO A 294 8.27 -8.72 11.27
CA PRO A 294 8.06 -7.34 11.71
C PRO A 294 8.01 -7.18 13.25
N ALA A 295 7.24 -8.02 13.96
CA ALA A 295 7.21 -7.98 15.42
C ALA A 295 8.58 -8.17 16.08
N GLY A 296 9.43 -8.98 15.46
CA GLY A 296 10.74 -9.22 15.99
C GLY A 296 11.63 -8.01 15.83
N LEU A 297 11.42 -7.26 14.74
CA LEU A 297 12.17 -6.02 14.49
C LEU A 297 11.71 -4.88 15.40
N MET A 298 10.40 -4.80 15.67
CA MET A 298 9.88 -3.79 16.60
C MET A 298 10.37 -4.05 18.01
N PHE A 299 10.15 -5.25 18.53
CA PHE A 299 10.69 -5.59 19.84
C PHE A 299 12.18 -5.26 19.92
N ALA A 300 12.91 -5.50 18.84
CA ALA A 300 14.37 -5.38 18.87
C ALA A 300 14.85 -3.95 18.80
N ARG A 301 14.01 -3.08 18.25
CA ARG A 301 14.31 -1.65 18.21
C ARG A 301 14.05 -0.99 19.55
N CYS A 302 12.86 -1.21 20.10
CA CYS A 302 12.48 -0.68 21.40
C CYS A 302 13.10 -1.42 22.61
N GLY A 303 14.18 -2.16 22.38
CA GLY A 303 14.93 -2.76 23.48
C GLY A 303 14.27 -3.90 24.25
N ALA A 304 13.29 -4.56 23.63
CA ALA A 304 12.62 -5.70 24.23
C ALA A 304 13.23 -7.02 23.76
N HIS A 305 14.50 -7.25 24.09
CA HIS A 305 15.29 -8.40 23.57
C HIS A 305 14.69 -9.80 23.74
N GLU A 306 14.22 -10.09 24.94
CA GLU A 306 13.64 -11.39 25.22
C GLU A 306 12.44 -11.69 24.31
N LYS A 307 11.69 -10.65 23.96
CA LYS A 307 10.55 -10.79 23.06
C LYS A 307 10.97 -10.94 21.59
N ALA A 308 12.03 -10.23 21.21
CA ALA A 308 12.49 -10.21 19.81
C ALA A 308 13.20 -11.49 19.47
N LEU A 309 13.78 -12.12 20.49
CA LEU A 309 14.49 -13.38 20.29
C LEU A 309 13.53 -14.50 19.99
N SER A 310 12.39 -14.55 20.71
CA SER A 310 11.38 -15.56 20.43
C SER A 310 10.48 -15.21 19.27
N ALA A 311 10.52 -13.96 18.82
CA ALA A 311 9.87 -13.57 17.57
C ALA A 311 10.71 -13.93 16.36
N PHE A 312 12.03 -13.78 16.48
CA PHE A 312 12.96 -14.11 15.40
C PHE A 312 13.15 -15.61 15.28
N LEU A 313 12.94 -16.31 16.39
CA LEU A 313 12.99 -17.77 16.44
C LEU A 313 11.80 -18.41 15.71
N THR A 314 10.60 -17.91 15.99
CA THR A 314 9.36 -18.40 15.39
C THR A 314 9.27 -18.34 13.86
N CYS A 315 9.84 -17.30 13.25
CA CYS A 315 10.24 -17.36 11.83
C CYS A 315 11.70 -17.77 11.82
N GLY A 316 12.27 -17.92 10.64
CA GLY A 316 13.59 -18.50 10.62
C GLY A 316 14.66 -17.47 10.41
N ASN A 317 14.67 -16.42 11.22
CA ASN A 317 15.68 -15.39 11.03
C ASN A 317 16.80 -15.47 12.04
N TRP A 318 17.77 -16.32 11.75
CA TRP A 318 18.83 -16.63 12.69
C TRP A 318 19.89 -15.53 12.74
N LYS A 319 20.15 -14.88 11.62
CA LYS A 319 21.10 -13.77 11.59
C LYS A 319 20.74 -12.79 12.70
N GLN A 320 19.51 -12.28 12.65
CA GLN A 320 18.99 -11.35 13.66
C GLN A 320 18.91 -12.01 15.02
N ALA A 321 18.41 -13.23 15.05
CA ALA A 321 18.30 -14.00 16.27
C ALA A 321 19.63 -14.01 17.02
N LEU A 322 20.73 -14.17 16.30
CA LEU A 322 22.06 -14.20 16.93
C LEU A 322 22.58 -12.82 17.35
N CYS A 323 22.12 -11.75 16.69
CA CYS A 323 22.44 -10.38 17.11
C CYS A 323 21.77 -10.11 18.45
N VAL A 324 20.44 -10.24 18.51
CA VAL A 324 19.70 -10.09 19.76
C VAL A 324 20.27 -10.97 20.88
N ALA A 325 20.83 -12.12 20.51
CA ALA A 325 21.37 -13.03 21.52
C ALA A 325 22.66 -12.47 22.09
N ALA A 326 23.48 -11.85 21.25
CA ALA A 326 24.66 -11.15 21.72
C ALA A 326 24.29 -9.93 22.57
N GLN A 327 23.19 -9.26 22.24
CA GLN A 327 22.73 -8.15 23.05
C GLN A 327 22.23 -8.61 24.42
N LEU A 328 22.23 -9.93 24.67
CA LEU A 328 21.83 -10.48 25.98
C LEU A 328 22.95 -11.28 26.64
N ASN A 329 24.10 -11.33 25.97
CA ASN A 329 25.31 -11.93 26.52
C ASN A 329 25.19 -13.41 26.82
N PHE A 330 24.66 -14.17 25.88
CA PHE A 330 24.56 -15.60 26.09
C PHE A 330 25.95 -16.16 26.32
N THR A 331 26.03 -17.16 27.20
CA THR A 331 27.24 -17.94 27.42
C THR A 331 27.57 -18.71 26.15
N LYS A 332 28.79 -19.24 26.07
CA LYS A 332 29.17 -20.07 24.92
C LYS A 332 28.23 -21.26 24.79
N ASP A 333 27.66 -21.69 25.90
CA ASP A 333 26.75 -22.85 25.92
C ASP A 333 25.32 -22.47 25.61
N GLN A 334 24.86 -21.39 26.20
CA GLN A 334 23.51 -20.93 25.94
C GLN A 334 23.36 -20.65 24.44
N LEU A 335 24.49 -20.39 23.77
CA LEU A 335 24.51 -20.20 22.31
C LEU A 335 24.48 -21.52 21.54
N VAL A 336 25.33 -22.46 21.94
CA VAL A 336 25.20 -23.82 21.45
C VAL A 336 23.75 -24.28 21.50
N GLY A 337 23.07 -24.05 22.62
CA GLY A 337 21.67 -24.44 22.77
C GLY A 337 20.74 -23.70 21.84
N LEU A 338 20.97 -22.40 21.67
CA LEU A 338 20.19 -21.58 20.75
C LEU A 338 20.40 -22.07 19.32
N GLY A 339 21.65 -22.16 18.89
CA GLY A 339 21.97 -22.72 17.59
C GLY A 339 21.14 -23.96 17.28
N ARG A 340 21.04 -24.88 18.22
CA ARG A 340 20.30 -26.10 17.95
C ARG A 340 18.84 -25.75 17.72
N THR A 341 18.21 -25.05 18.66
CA THR A 341 16.81 -24.65 18.52
C THR A 341 16.48 -24.05 17.14
N LEU A 342 17.32 -23.14 16.65
CA LEU A 342 17.13 -22.51 15.33
C LEU A 342 17.26 -23.51 14.20
N ALA A 343 18.29 -24.36 14.26
CA ALA A 343 18.51 -25.34 13.22
C ALA A 343 17.28 -26.23 13.08
N GLY A 344 16.55 -26.39 14.17
CA GLY A 344 15.31 -27.15 14.15
C GLY A 344 14.22 -26.40 13.41
N LYS A 345 14.05 -25.12 13.72
CA LYS A 345 13.02 -24.28 13.10
C LYS A 345 13.28 -24.11 11.62
N LEU A 346 14.55 -24.08 11.24
CA LEU A 346 14.95 -23.94 9.86
C LEU A 346 14.79 -25.27 9.13
N VAL A 347 15.03 -26.39 9.81
CA VAL A 347 14.78 -27.69 9.20
C VAL A 347 13.30 -27.87 8.89
N GLU A 348 12.43 -27.50 9.81
CA GLU A 348 10.99 -27.61 9.57
C GLU A 348 10.44 -26.55 8.64
N GLN A 349 11.31 -25.71 8.12
CA GLN A 349 10.95 -24.77 7.07
C GLN A 349 11.73 -25.14 5.83
N ARG A 350 12.12 -26.41 5.74
CA ARG A 350 12.92 -26.93 4.64
C ARG A 350 14.10 -26.04 4.23
N LYS A 351 14.58 -25.18 5.14
CA LYS A 351 15.74 -24.34 4.86
C LYS A 351 17.00 -25.06 5.31
N HIS A 352 17.34 -26.15 4.64
CA HIS A 352 18.41 -27.04 5.09
C HIS A 352 19.80 -26.41 5.10
N ILE A 353 20.20 -25.77 4.01
CA ILE A 353 21.53 -25.15 3.97
C ILE A 353 21.69 -24.16 5.12
N ASP A 354 20.64 -23.41 5.43
CA ASP A 354 20.70 -22.43 6.52
C ASP A 354 20.82 -23.12 7.87
N ALA A 355 20.04 -24.17 8.06
CA ALA A 355 20.08 -24.92 9.31
C ALA A 355 21.46 -25.46 9.56
N ALA A 356 22.14 -25.89 8.50
CA ALA A 356 23.48 -26.44 8.63
C ALA A 356 24.48 -25.38 9.06
N MET A 357 24.37 -24.21 8.45
CA MET A 357 25.29 -23.10 8.73
C MET A 357 25.14 -22.49 10.12
N VAL A 358 23.98 -22.66 10.76
CA VAL A 358 23.81 -22.26 12.16
C VAL A 358 24.37 -23.34 13.09
N LEU A 359 24.35 -24.57 12.62
CA LEU A 359 24.89 -25.69 13.37
C LEU A 359 26.43 -25.70 13.40
N GLU A 360 27.07 -25.40 12.27
CA GLU A 360 28.52 -25.35 12.22
C GLU A 360 29.05 -24.03 12.80
N GLU A 361 28.24 -22.98 12.81
CA GLU A 361 28.68 -21.74 13.43
C GLU A 361 28.49 -21.76 14.92
N CYS A 362 27.25 -21.91 15.39
CA CYS A 362 26.90 -21.81 16.83
C CYS A 362 27.27 -22.98 17.76
N ALA A 363 27.06 -24.23 17.33
CA ALA A 363 27.33 -25.39 18.18
C ALA A 363 28.50 -26.32 17.74
N GLN A 364 29.19 -25.96 16.66
CA GLN A 364 30.26 -26.77 16.04
C GLN A 364 29.92 -28.25 15.86
N ASP A 365 28.65 -28.48 15.53
CA ASP A 365 28.18 -29.81 15.18
C ASP A 365 28.53 -30.22 13.76
N TYR A 366 29.83 -30.24 13.46
CA TYR A 366 30.34 -30.82 12.22
C TYR A 366 29.39 -31.87 11.57
N GLU A 367 29.11 -32.96 12.27
CA GLU A 367 28.44 -34.07 11.62
C GLU A 367 27.01 -33.81 11.17
N GLU A 368 26.22 -33.14 12.01
CA GLU A 368 24.83 -32.82 11.67
C GLU A 368 24.76 -31.88 10.46
N ALA A 369 25.63 -30.86 10.47
CA ALA A 369 25.75 -29.91 9.37
C ALA A 369 26.02 -30.57 8.03
N VAL A 370 26.98 -31.49 7.98
CA VAL A 370 27.32 -32.21 6.76
C VAL A 370 26.14 -33.01 6.18
N LEU A 371 25.30 -33.57 7.05
CA LEU A 371 24.17 -34.37 6.59
C LEU A 371 23.06 -33.49 6.05
N LEU A 372 22.95 -32.30 6.62
CA LEU A 372 21.90 -31.37 6.23
C LEU A 372 22.26 -30.70 4.92
N LEU A 373 23.55 -30.45 4.71
CA LEU A 373 24.04 -29.86 3.46
C LEU A 373 23.75 -30.83 2.34
N LEU A 374 23.92 -32.11 2.63
CA LEU A 374 23.71 -33.14 1.63
C LEU A 374 22.22 -33.26 1.34
N GLU A 375 21.42 -33.04 2.37
CA GLU A 375 19.97 -33.09 2.25
C GLU A 375 19.46 -31.97 1.35
N GLY A 376 20.21 -30.88 1.27
CA GLY A 376 19.84 -29.74 0.44
C GLY A 376 20.72 -29.60 -0.79
N ALA A 377 21.34 -30.70 -1.19
CA ALA A 377 22.23 -30.73 -2.35
C ALA A 377 23.25 -29.61 -2.41
N ALA A 378 23.98 -29.39 -1.30
CA ALA A 378 25.16 -28.53 -1.30
C ALA A 378 26.44 -29.37 -1.24
N TRP A 379 26.75 -30.04 -2.33
CA TRP A 379 27.83 -31.02 -2.39
C TRP A 379 29.17 -30.46 -2.02
N GLU A 380 29.51 -29.31 -2.60
CA GLU A 380 30.85 -28.73 -2.45
C GLU A 380 31.12 -28.24 -1.05
N GLU A 381 30.09 -27.69 -0.42
CA GLU A 381 30.17 -27.20 0.95
C GLU A 381 30.02 -28.35 1.93
N ALA A 382 29.30 -29.39 1.53
CA ALA A 382 29.14 -30.56 2.39
C ALA A 382 30.51 -31.14 2.56
N LEU A 383 31.26 -31.06 1.48
CA LEU A 383 32.56 -31.70 1.35
C LEU A 383 33.70 -30.88 1.98
N ARG A 384 33.70 -29.56 1.81
CA ARG A 384 34.67 -28.71 2.49
C ARG A 384 34.74 -29.07 3.97
N LEU A 385 33.58 -29.15 4.63
CA LEU A 385 33.46 -29.52 6.04
C LEU A 385 34.11 -30.87 6.40
N VAL A 386 33.78 -31.91 5.63
CA VAL A 386 34.43 -33.20 5.78
C VAL A 386 35.96 -33.12 5.89
N TYR A 387 36.62 -32.41 4.99
CA TYR A 387 38.07 -32.24 5.09
C TYR A 387 38.52 -31.30 6.21
N LYS A 388 37.70 -30.34 6.58
CA LYS A 388 38.05 -29.43 7.68
C LYS A 388 38.08 -30.17 9.03
N TYR A 389 37.73 -31.45 9.02
CA TYR A 389 37.61 -32.22 10.27
C TYR A 389 38.10 -33.67 10.18
N ASN A 390 38.92 -33.99 9.19
CA ASN A 390 39.47 -35.35 9.06
C ASN A 390 38.46 -36.49 9.03
N ARG A 391 37.21 -36.20 8.72
CA ARG A 391 36.16 -37.19 8.70
C ARG A 391 35.95 -37.82 7.33
N LEU A 392 37.04 -38.17 6.66
CA LEU A 392 36.97 -38.74 5.32
C LEU A 392 36.08 -40.00 5.23
N ASP A 393 35.69 -40.54 6.38
CA ASP A 393 34.96 -41.78 6.39
C ASP A 393 33.55 -41.54 5.90
N ILE A 394 33.08 -40.30 6.04
CA ILE A 394 31.72 -39.94 5.68
C ILE A 394 31.55 -39.95 4.18
N ILE A 395 32.63 -39.69 3.46
CA ILE A 395 32.58 -39.72 2.01
C ILE A 395 31.92 -41.01 1.58
N GLU A 396 32.45 -42.12 2.09
CA GLU A 396 31.88 -43.43 1.83
C GLU A 396 30.47 -43.62 2.39
N THR A 397 30.33 -43.51 3.70
CA THR A 397 29.06 -43.69 4.40
C THR A 397 27.90 -42.82 3.86
N ASN A 398 28.17 -41.54 3.59
CA ASN A 398 27.08 -40.59 3.36
C ASN A 398 27.14 -39.75 2.10
N VAL A 399 28.32 -39.29 1.71
CA VAL A 399 28.38 -38.35 0.59
C VAL A 399 28.18 -39.02 -0.77
N LYS A 400 28.94 -40.07 -1.05
CA LYS A 400 28.83 -40.74 -2.33
C LYS A 400 27.44 -41.36 -2.52
N PRO A 401 26.95 -42.10 -1.50
CA PRO A 401 25.56 -42.56 -1.60
C PRO A 401 24.54 -41.45 -1.85
N SER A 402 24.72 -40.28 -1.27
CA SER A 402 23.73 -39.20 -1.41
C SER A 402 23.76 -38.57 -2.79
N ILE A 403 24.95 -38.51 -3.38
CA ILE A 403 25.13 -38.07 -4.77
C ILE A 403 24.43 -39.00 -5.75
N LEU A 404 24.73 -40.30 -5.65
CA LEU A 404 24.22 -41.30 -6.58
C LEU A 404 22.71 -41.36 -6.55
N GLU A 405 22.12 -41.01 -5.42
CA GLU A 405 20.70 -41.12 -5.23
C GLU A 405 20.01 -39.91 -5.83
N ALA A 406 20.68 -38.76 -5.71
CA ALA A 406 20.23 -37.53 -6.36
C ALA A 406 20.29 -37.73 -7.87
N GLN A 407 21.43 -38.21 -8.37
CA GLN A 407 21.54 -38.71 -9.73
C GLN A 407 20.21 -39.32 -10.22
N LYS A 408 19.73 -40.38 -9.56
CA LYS A 408 18.49 -41.04 -9.96
C LYS A 408 17.26 -40.14 -9.89
N ASN A 409 17.13 -39.38 -8.81
CA ASN A 409 15.98 -38.48 -8.65
C ASN A 409 15.96 -37.38 -9.69
N TYR A 410 17.10 -37.15 -10.32
CA TYR A 410 17.25 -36.14 -11.37
C TYR A 410 16.94 -36.73 -12.74
N MET A 411 17.25 -38.02 -12.93
CA MET A 411 16.86 -38.71 -14.16
C MET A 411 15.35 -38.92 -14.13
N ALA A 412 14.90 -39.78 -13.23
CA ALA A 412 13.47 -40.00 -13.04
C ALA A 412 12.61 -38.73 -13.15
N PHE A 413 13.21 -37.56 -12.90
CA PHE A 413 12.49 -36.29 -13.00
C PHE A 413 12.46 -35.75 -14.42
N LEU A 414 13.33 -36.28 -15.27
CA LEU A 414 13.38 -35.88 -16.69
C LEU A 414 12.53 -36.79 -17.61
N ASP A 415 11.93 -37.82 -17.05
CA ASP A 415 10.79 -38.48 -17.68
C ASP A 415 9.60 -37.69 -17.16
N SER A 416 9.37 -37.82 -15.86
CA SER A 416 8.32 -37.10 -15.15
C SER A 416 8.04 -35.68 -15.64
N GLN A 417 9.06 -34.99 -16.17
CA GLN A 417 8.86 -33.63 -16.63
C GLN A 417 9.12 -33.42 -18.12
N THR A 418 9.51 -34.48 -18.84
CA THR A 418 9.69 -34.38 -20.30
C THR A 418 8.52 -34.99 -21.07
N ALA A 419 8.32 -36.29 -20.89
CA ALA A 419 7.17 -36.98 -21.50
C ALA A 419 5.90 -36.29 -21.02
N THR A 420 5.73 -36.22 -19.70
CA THR A 420 4.57 -35.58 -19.12
C THR A 420 4.60 -34.07 -19.35
N PHE A 421 5.03 -33.66 -20.54
CA PHE A 421 4.96 -32.25 -20.98
C PHE A 421 5.60 -32.05 -22.37
N VAL A 515 2.09 -26.01 -19.23
CA VAL A 515 2.41 -24.81 -19.98
C VAL A 515 3.84 -24.36 -19.70
N VAL A 516 4.01 -23.28 -18.95
CA VAL A 516 5.33 -22.75 -18.61
C VAL A 516 6.20 -23.71 -17.79
N GLN A 517 7.25 -24.21 -18.46
CA GLN A 517 8.24 -25.13 -17.90
C GLN A 517 9.55 -24.40 -17.68
N ASN A 518 9.72 -23.84 -16.50
CA ASN A 518 11.02 -23.38 -16.07
C ASN A 518 11.83 -24.53 -15.43
N THR A 519 12.13 -25.55 -16.23
CA THR A 519 13.14 -26.54 -15.84
C THR A 519 14.49 -26.08 -16.40
N GLU A 520 14.66 -24.78 -16.50
CA GLU A 520 15.93 -24.23 -16.93
C GLU A 520 16.63 -23.58 -15.74
N ASN A 521 16.02 -23.74 -14.55
CA ASN A 521 16.58 -23.23 -13.29
C ASN A 521 17.14 -24.34 -12.40
N LEU A 522 16.98 -25.57 -12.84
CA LEU A 522 17.81 -26.65 -12.34
C LEU A 522 19.01 -26.77 -13.28
N LYS A 523 19.21 -25.73 -14.09
CA LYS A 523 20.36 -25.64 -14.98
C LYS A 523 21.59 -25.51 -14.11
N ASP A 524 21.47 -24.72 -13.06
CA ASP A 524 22.58 -24.54 -12.14
C ASP A 524 22.85 -25.82 -11.38
N GLU A 525 21.83 -26.29 -10.69
CA GLU A 525 21.94 -27.48 -9.87
C GLU A 525 22.51 -28.71 -10.54
N VAL A 526 22.36 -28.84 -11.86
CA VAL A 526 22.94 -29.99 -12.55
C VAL A 526 24.43 -29.76 -12.77
N TYR A 527 24.77 -28.54 -13.10
CA TYR A 527 26.16 -28.16 -13.23
C TYR A 527 26.92 -28.59 -12.00
N HIS A 528 26.31 -28.31 -10.84
CA HIS A 528 26.96 -28.45 -9.56
C HIS A 528 27.19 -29.91 -9.23
N ILE A 529 26.19 -30.74 -9.50
CA ILE A 529 26.30 -32.16 -9.16
C ILE A 529 27.13 -32.91 -10.18
N LEU A 530 27.26 -32.37 -11.38
CA LEU A 530 28.06 -33.00 -12.41
C LEU A 530 29.54 -33.04 -12.02
N LYS A 531 30.03 -31.93 -11.45
CA LYS A 531 31.41 -31.82 -11.00
C LYS A 531 31.74 -32.78 -9.87
N VAL A 532 30.88 -32.90 -8.86
CA VAL A 532 31.17 -33.88 -7.83
C VAL A 532 30.99 -35.31 -8.33
N LEU A 533 30.16 -35.53 -9.34
CA LEU A 533 30.10 -36.87 -9.96
C LEU A 533 31.47 -37.24 -10.56
N PHE A 534 32.07 -36.33 -11.32
CA PHE A 534 33.33 -36.63 -11.97
C PHE A 534 34.48 -36.77 -10.97
N LEU A 535 34.41 -36.04 -9.86
CA LEU A 535 35.50 -36.05 -8.91
C LEU A 535 35.63 -37.43 -8.29
N PHE A 536 34.49 -38.13 -8.23
CA PHE A 536 34.35 -39.41 -7.55
C PHE A 536 34.26 -40.63 -8.46
N GLU A 537 34.69 -40.46 -9.71
CA GLU A 537 34.87 -41.57 -10.63
C GLU A 537 33.55 -42.14 -11.12
N PHE A 538 32.48 -41.38 -10.95
CA PHE A 538 31.16 -41.80 -11.43
C PHE A 538 30.90 -41.24 -12.82
N ASP A 539 31.78 -41.59 -13.75
CA ASP A 539 31.67 -41.10 -15.12
C ASP A 539 30.39 -41.58 -15.80
N GLU A 540 30.07 -42.86 -15.62
CA GLU A 540 28.93 -43.45 -16.33
C GLU A 540 27.67 -42.62 -16.12
N GLN A 541 27.27 -42.49 -14.85
CA GLN A 541 26.11 -41.70 -14.48
C GLN A 541 26.30 -40.21 -14.79
N GLY A 542 27.56 -39.79 -14.90
CA GLY A 542 27.88 -38.44 -15.33
C GLY A 542 27.47 -38.23 -16.77
N ARG A 543 28.05 -39.01 -17.67
CA ARG A 543 27.75 -38.89 -19.11
C ARG A 543 26.26 -39.07 -19.35
N GLU A 544 25.66 -39.98 -18.59
CA GLU A 544 24.23 -40.25 -18.65
C GLU A 544 23.39 -39.01 -18.40
N LEU A 545 23.68 -38.30 -17.31
CA LEU A 545 22.98 -37.05 -16.95
C LEU A 545 23.33 -35.91 -17.89
N GLN A 546 24.59 -35.84 -18.32
CA GLN A 546 25.01 -34.80 -19.25
C GLN A 546 24.19 -34.90 -20.54
N LYS A 547 24.34 -36.04 -21.23
CA LYS A 547 23.54 -36.35 -22.42
C LYS A 547 22.07 -36.11 -22.11
N ALA A 548 21.55 -36.85 -21.14
CA ALA A 548 20.15 -36.77 -20.77
C ALA A 548 19.61 -35.33 -20.64
N PHE A 549 20.17 -34.55 -19.72
CA PHE A 549 19.71 -33.18 -19.51
C PHE A 549 19.86 -32.33 -20.77
N GLU A 550 20.82 -32.69 -21.62
CA GLU A 550 21.07 -31.92 -22.83
C GLU A 550 19.86 -31.97 -23.78
N ASP A 551 19.46 -33.18 -24.16
CA ASP A 551 18.31 -33.40 -25.05
C ASP A 551 17.02 -32.82 -24.49
N THR A 552 16.64 -33.27 -23.30
CA THR A 552 15.42 -32.80 -22.67
C THR A 552 15.42 -31.28 -22.48
N LEU A 553 16.50 -30.63 -22.94
CA LEU A 553 16.68 -29.19 -22.79
C LEU A 553 16.63 -28.48 -24.15
N GLN A 554 17.19 -29.11 -25.17
CA GLN A 554 17.05 -28.64 -26.55
C GLN A 554 15.74 -29.15 -27.17
N LEU A 555 15.37 -30.41 -26.87
CA LEU A 555 14.14 -31.02 -27.38
C LEU A 555 12.92 -30.20 -26.94
N MET A 556 13.20 -29.05 -26.34
CA MET A 556 12.21 -28.02 -26.07
C MET A 556 12.44 -26.81 -26.99
N GLU A 557 12.01 -26.97 -28.24
CA GLU A 557 11.90 -25.88 -29.23
C GLU A 557 10.64 -26.09 -30.09
N ARG A 558 9.69 -25.17 -29.98
CA ARG A 558 8.41 -25.22 -30.71
C ARG A 558 7.86 -23.81 -31.00
N SER A 559 6.57 -23.59 -30.71
CA SER A 559 5.93 -22.29 -30.93
C SER A 559 4.55 -22.19 -30.27
N ASN A 611 14.57 -19.22 -21.68
CA ASN A 611 15.84 -19.94 -21.51
C ASN A 611 17.04 -18.97 -21.35
N ARG A 612 18.24 -19.45 -21.67
CA ARG A 612 19.45 -18.61 -21.60
C ARG A 612 20.62 -19.25 -22.35
N ARG A 613 21.81 -18.66 -22.19
CA ARG A 613 23.04 -19.17 -22.80
C ARG A 613 24.08 -19.56 -21.74
N THR A 614 23.64 -19.66 -20.48
CA THR A 614 24.50 -19.97 -19.33
C THR A 614 24.99 -21.42 -19.33
N GLN A 615 26.28 -21.62 -19.10
CA GLN A 615 26.90 -22.94 -19.27
C GLN A 615 26.85 -23.81 -18.02
N TRP A 616 26.61 -25.11 -18.25
CA TRP A 616 26.52 -26.09 -17.18
C TRP A 616 27.22 -27.39 -17.59
N LYS A 617 27.69 -27.43 -18.83
CA LYS A 617 28.34 -28.62 -19.37
C LYS A 617 29.67 -28.95 -18.70
N LEU A 618 30.14 -30.17 -18.89
CA LEU A 618 31.47 -30.58 -18.47
C LEU A 618 32.19 -31.20 -19.68
N SER A 619 33.06 -30.40 -20.31
CA SER A 619 33.86 -30.88 -21.42
C SER A 619 34.46 -32.22 -21.07
N LEU A 620 34.53 -32.48 -19.77
CA LEU A 620 35.09 -33.70 -19.22
C LEU A 620 34.15 -34.90 -19.34
N LEU A 621 33.02 -34.72 -20.01
CA LEU A 621 32.09 -35.84 -20.21
C LEU A 621 31.47 -35.84 -21.62
#